data_5LK2
#
_entry.id   5LK2
#
_cell.length_a   107.329
_cell.length_b   107.329
_cell.length_c   128.087
_cell.angle_alpha   90.00
_cell.angle_beta   90.00
_cell.angle_gamma   120.00
#
_symmetry.space_group_name_H-M   'H 3'
#
loop_
_entity.id
_entity.type
_entity.pdbx_description
1 polymer 'Envelopment polyprotein'
2 branched 2-acetamido-2-deoxy-beta-D-glucopyranose-(1-4)-[beta-L-fucopyranose-(1-6)]2-acetamido-2-deoxy-beta-D-glucopyranose
3 non-polymer 'POTASSIUM ION'
4 non-polymer 'SODIUM ION'
5 water water
#
_entity_poly.entity_id   1
_entity_poly.type   'polypeptide(L)'
_entity_poly.pdbx_seq_one_letter_code
;SETPLTPVWNDNAHGVGSVPMHTDLELDFSLTSSSKYTYRRKLTNPLEEAQSIDLHIEIEEQTIGVDVHALGHWFDGRLN
LKTSFHCYGACTKYEYPWHTAKCHYERDYQYETSHGCNPSDCPGVGTGCTACGLYLDQLKPVGSAYKIITIRYSRRVCVQ
FGEENLCKIIDMNDCFVSRHVKVCIIGTVSKFSQGDTLLFFGPLEGGGLIFKHWCTSTCQFGDPGDIMSPRDKGFLCPEF
PGSFRKKCNFATTPICEYDGNMVSGYKKVMATIDSFQSFNTSTMHFTDERIEWKDPDGMLRDHINILVTKDIDFDNLGEN
PCKIGLQTSSIEGAWGSGVGFTLTCLVSLTECPTFLTSIKACDKAICYGAESVTLTRGQNTVKVSGKGGHSGSTFRCCHG
EDCSQIGLHAAAPHLDKVNGISEIENSKVYDDGAPQCGIKCWFVKSGEWISGIFSGNGGSDDDDKAGWSHPQFEKGGGSG
GGSGGGSWSHPQFEK
;
_entity_poly.pdbx_strand_id   A
#
loop_
_chem_comp.id
_chem_comp.type
_chem_comp.name
_chem_comp.formula
FUL L-saccharide, beta linking beta-L-fucopyranose 'C6 H12 O5'
K non-polymer 'POTASSIUM ION' 'K 1'
NA non-polymer 'SODIUM ION' 'Na 1'
NAG D-saccharide, beta linking 2-acetamido-2-deoxy-beta-D-glucopyranose 'C8 H15 N O6'
#
# COMPACT_ATOMS: atom_id res chain seq x y z
N THR A 6 11.83 -24.13 -29.77
CA THR A 6 12.94 -24.30 -28.84
C THR A 6 13.24 -23.08 -27.93
N PRO A 7 12.95 -21.83 -28.37
CA PRO A 7 13.25 -20.78 -27.40
C PRO A 7 12.14 -20.56 -26.39
N VAL A 8 12.51 -20.22 -25.16
CA VAL A 8 11.54 -20.02 -24.08
C VAL A 8 11.88 -18.77 -23.28
N TRP A 9 11.85 -17.62 -23.95
CA TRP A 9 12.20 -16.34 -23.33
C TRP A 9 11.35 -16.04 -22.11
N ASN A 10 11.99 -15.45 -21.10
CA ASN A 10 11.38 -15.19 -19.80
C ASN A 10 12.05 -13.97 -19.18
N ASP A 11 11.29 -12.92 -18.87
CA ASP A 11 11.89 -11.75 -18.19
C ASP A 11 11.41 -11.57 -16.74
N ASN A 12 10.76 -12.60 -16.20
CA ASN A 12 10.32 -12.54 -14.81
C ASN A 12 11.45 -12.71 -13.80
N ALA A 13 12.63 -13.09 -14.29
CA ALA A 13 13.80 -13.20 -13.43
C ALA A 13 14.51 -11.86 -13.41
N HIS A 14 14.51 -11.21 -12.26
CA HIS A 14 15.26 -9.97 -12.09
C HIS A 14 16.61 -10.23 -11.42
N GLY A 15 17.66 -10.41 -12.21
CA GLY A 15 18.96 -10.67 -11.64
C GLY A 15 19.98 -11.05 -12.69
N VAL A 16 21.11 -11.60 -12.26
CA VAL A 16 22.22 -11.83 -13.17
C VAL A 16 22.88 -13.19 -12.98
N GLY A 17 23.49 -13.66 -14.07
CA GLY A 17 24.41 -14.78 -14.01
C GLY A 17 25.82 -14.21 -13.97
N SER A 18 26.65 -14.72 -13.07
CA SER A 18 28.00 -14.22 -12.96
C SER A 18 28.98 -15.38 -12.83
N VAL A 19 30.23 -15.11 -13.18
CA VAL A 19 31.34 -16.03 -12.93
C VAL A 19 32.14 -15.47 -11.77
N PRO A 20 32.12 -16.17 -10.62
CA PRO A 20 32.66 -15.62 -9.37
C PRO A 20 34.14 -15.23 -9.48
N MET A 21 34.83 -15.72 -10.51
CA MET A 21 36.20 -15.32 -10.77
C MET A 21 36.24 -14.00 -11.55
N HIS A 22 35.17 -13.72 -12.29
CA HIS A 22 35.08 -12.50 -13.09
C HIS A 22 34.18 -11.48 -12.41
N THR A 23 34.21 -11.48 -11.08
CA THR A 23 33.52 -10.46 -10.30
C THR A 23 34.55 -9.76 -9.42
N ASP A 24 34.45 -8.45 -9.32
CA ASP A 24 35.51 -7.64 -8.72
C ASP A 24 35.21 -7.11 -7.33
N LEU A 25 33.92 -7.00 -6.98
CA LEU A 25 33.54 -6.43 -5.70
C LEU A 25 32.16 -6.90 -5.26
N GLU A 26 32.06 -7.28 -3.99
CA GLU A 26 30.77 -7.58 -3.38
C GLU A 26 30.61 -6.82 -2.07
N LEU A 27 29.50 -6.13 -1.94
CA LEU A 27 29.12 -5.51 -0.68
C LEU A 27 27.94 -6.29 -0.13
N ASP A 28 28.05 -6.78 1.08
CA ASP A 28 26.95 -7.53 1.68
C ASP A 28 26.75 -7.09 3.11
N PHE A 29 25.56 -6.61 3.44
CA PHE A 29 25.36 -6.02 4.75
C PHE A 29 23.91 -5.91 5.15
N SER A 30 23.70 -5.80 6.46
CA SER A 30 22.38 -5.53 7.02
C SER A 30 22.32 -4.03 7.33
N LEU A 31 21.30 -3.35 6.79
CA LEU A 31 21.19 -1.90 6.90
C LEU A 31 19.95 -1.52 7.66
N THR A 32 20.12 -0.64 8.64
CA THR A 32 19.00 0.02 9.33
C THR A 32 17.96 0.47 8.31
N SER A 33 16.70 0.08 8.49
CA SER A 33 15.70 0.40 7.48
C SER A 33 15.54 1.91 7.30
N SER A 34 15.62 2.63 8.40
CA SER A 34 15.44 4.07 8.38
C SER A 34 16.72 4.87 8.00
N SER A 35 17.77 4.16 7.56
CA SER A 35 19.03 4.81 7.17
C SER A 35 19.31 4.72 5.68
N LYS A 36 19.89 5.79 5.15
CA LYS A 36 20.44 5.76 3.80
C LYS A 36 21.82 5.11 3.87
N TYR A 37 22.38 4.82 2.69
CA TYR A 37 23.74 4.30 2.60
C TYR A 37 24.39 4.84 1.34
N THR A 38 25.66 5.22 1.45
CA THR A 38 26.43 5.71 0.32
C THR A 38 27.73 4.92 0.16
N TYR A 39 28.05 4.54 -1.07
CA TYR A 39 29.34 3.92 -1.37
C TYR A 39 30.00 4.62 -2.53
N ARG A 40 31.25 5.03 -2.34
CA ARG A 40 32.03 5.67 -3.39
C ARG A 40 33.39 5.01 -3.48
N ARG A 41 33.81 4.67 -4.70
CA ARG A 41 35.11 4.05 -4.88
C ARG A 41 35.61 4.24 -6.30
N LYS A 42 36.92 4.44 -6.44
CA LYS A 42 37.54 4.40 -7.76
C LYS A 42 37.94 2.96 -8.05
N LEU A 43 37.38 2.38 -9.11
CA LEU A 43 37.76 1.03 -9.50
C LEU A 43 38.98 1.09 -10.40
N THR A 44 40.10 0.58 -9.91
CA THR A 44 41.35 0.63 -10.65
C THR A 44 41.83 -0.75 -11.07
N ASN A 45 42.54 -0.81 -12.18
CA ASN A 45 43.17 -2.05 -12.63
C ASN A 45 44.19 -2.52 -11.60
N PRO A 46 44.50 -3.84 -11.58
CA PRO A 46 45.37 -4.41 -10.54
C PRO A 46 46.66 -3.62 -10.33
N LEU A 47 47.42 -3.44 -11.42
CA LEU A 47 48.63 -2.65 -11.41
C LEU A 47 49.00 -2.39 -12.86
N GLU A 48 48.40 -3.19 -13.75
CA GLU A 48 48.76 -3.18 -15.16
C GLU A 48 47.86 -2.32 -16.03
N GLU A 49 47.56 -1.11 -15.55
CA GLU A 49 46.96 -0.04 -16.36
C GLU A 49 46.87 1.27 -15.57
N ALA A 50 46.37 2.30 -16.23
CA ALA A 50 46.16 3.59 -15.58
C ALA A 50 44.75 4.07 -15.89
N GLN A 51 43.80 3.14 -15.82
CA GLN A 51 42.40 3.43 -16.12
C GLN A 51 41.54 3.14 -14.90
N SER A 52 40.73 4.11 -14.50
CA SER A 52 39.88 3.95 -13.33
C SER A 52 38.43 4.32 -13.61
N ILE A 53 37.53 3.56 -12.99
CA ILE A 53 36.09 3.77 -13.15
C ILE A 53 35.47 4.27 -11.85
N ASP A 54 34.72 5.37 -11.94
CA ASP A 54 34.04 5.91 -10.77
C ASP A 54 32.77 5.11 -10.45
N LEU A 55 32.74 4.50 -9.27
CA LEU A 55 31.54 3.82 -8.79
C LEU A 55 30.92 4.65 -7.69
N HIS A 56 29.64 4.94 -7.84
CA HIS A 56 28.92 5.73 -6.86
C HIS A 56 27.53 5.15 -6.65
N ILE A 57 27.29 4.61 -5.47
CA ILE A 57 26.00 4.02 -5.14
C ILE A 57 25.32 4.79 -4.02
N GLU A 58 24.05 5.16 -4.24
CA GLU A 58 23.25 5.81 -3.21
C GLU A 58 22.00 5.01 -2.96
N ILE A 59 21.84 4.53 -1.73
CA ILE A 59 20.63 3.82 -1.34
C ILE A 59 19.83 4.68 -0.35
N GLU A 60 18.58 4.97 -0.67
CA GLU A 60 17.80 5.84 0.19
C GLU A 60 17.06 5.05 1.30
N GLU A 61 16.56 5.79 2.28
CA GLU A 61 15.86 5.18 3.40
C GLU A 61 14.64 4.41 2.90
N GLN A 62 14.30 3.34 3.61
CA GLN A 62 13.15 2.54 3.28
C GLN A 62 11.86 3.37 3.37
N THR A 63 11.04 3.27 2.35
CA THR A 63 9.73 3.91 2.31
C THR A 63 8.63 2.87 2.37
N ILE A 64 7.56 3.17 3.10
CA ILE A 64 6.38 2.32 3.05
C ILE A 64 5.31 3.01 2.22
N GLY A 65 4.64 2.24 1.38
CA GLY A 65 3.51 2.76 0.62
C GLY A 65 2.32 1.91 0.94
N VAL A 66 1.25 2.53 1.44
CA VAL A 66 0.06 1.80 1.83
CA VAL A 66 0.07 1.76 1.79
C VAL A 66 -1.13 2.25 1.00
N ASP A 67 -1.73 1.33 0.24
CA ASP A 67 -2.98 1.63 -0.43
C ASP A 67 -4.04 1.45 0.61
N VAL A 68 -4.95 2.41 0.73
CA VAL A 68 -5.91 2.42 1.84
C VAL A 68 -7.28 2.77 1.33
N HIS A 69 -8.29 2.51 2.15
CA HIS A 69 -9.58 3.16 1.98
C HIS A 69 -9.78 4.14 3.12
N ALA A 70 -9.93 5.41 2.78
CA ALA A 70 -10.21 6.42 3.80
C ALA A 70 -11.61 6.21 4.36
N LEU A 71 -11.69 6.02 5.69
CA LEU A 71 -12.95 5.69 6.34
C LEU A 71 -13.65 6.92 6.89
N GLY A 72 -13.01 8.08 6.78
CA GLY A 72 -13.57 9.28 7.39
C GLY A 72 -13.11 9.46 8.82
N HIS A 73 -13.93 10.16 9.60
CA HIS A 73 -13.57 10.48 10.97
C HIS A 73 -14.32 9.62 11.96
N TRP A 74 -13.62 9.22 13.02
CA TRP A 74 -14.21 8.57 14.18
C TRP A 74 -14.64 9.68 15.13
N PHE A 75 -15.77 9.47 15.81
CA PHE A 75 -16.28 10.47 16.76
C PHE A 75 -16.38 9.96 18.19
N ASP A 76 -16.17 10.86 19.14
CA ASP A 76 -16.58 10.67 20.51
C ASP A 76 -17.98 11.27 20.62
N GLY A 77 -18.72 10.86 21.64
CA GLY A 77 -20.06 11.41 21.83
C GLY A 77 -20.64 10.94 23.15
N ARG A 78 -21.78 11.51 23.50
CA ARG A 78 -22.50 11.10 24.70
C ARG A 78 -23.83 10.50 24.34
N LEU A 79 -24.18 9.41 24.99
CA LEU A 79 -25.47 8.75 24.79
C LEU A 79 -26.47 9.30 25.80
N ASN A 80 -27.53 9.95 25.28
CA ASN A 80 -28.54 10.55 26.14
C ASN A 80 -29.84 9.79 26.06
N LEU A 81 -30.55 9.75 27.18
CA LEU A 81 -31.81 9.04 27.28
C LEU A 81 -32.93 10.04 27.58
N LYS A 82 -34.03 9.94 26.84
CA LYS A 82 -35.18 10.84 27.04
C LYS A 82 -36.52 10.10 26.99
N THR A 83 -37.57 10.73 27.53
CA THR A 83 -38.91 10.15 27.51
C THR A 83 -39.91 11.10 26.84
N SER A 84 -40.81 10.55 26.02
CA SER A 84 -41.87 11.32 25.38
C SER A 84 -43.21 10.59 25.42
N PHE A 85 -44.21 11.22 26.04
CA PHE A 85 -45.50 10.54 26.21
C PHE A 85 -46.65 11.29 25.54
N GLU A 95 -44.16 13.29 16.92
CA GLU A 95 -42.77 13.58 16.61
C GLU A 95 -41.95 13.75 17.88
N TYR A 96 -40.94 12.92 18.06
CA TYR A 96 -40.13 12.91 19.27
C TYR A 96 -39.14 14.07 19.27
N PRO A 97 -38.84 14.61 20.46
CA PRO A 97 -37.86 15.70 20.62
C PRO A 97 -36.51 15.41 19.94
N TRP A 98 -36.07 14.17 20.02
CA TRP A 98 -34.77 13.77 19.49
C TRP A 98 -34.83 13.39 18.02
N HIS A 99 -35.90 13.76 17.33
CA HIS A 99 -36.08 13.33 15.95
C HIS A 99 -35.02 13.93 15.02
N THR A 100 -34.41 15.03 15.43
CA THR A 100 -33.39 15.66 14.59
C THR A 100 -32.03 14.99 14.80
N ALA A 101 -31.89 14.25 15.89
CA ALA A 101 -30.63 13.56 16.17
C ALA A 101 -30.43 12.47 15.14
N LYS A 102 -29.24 12.43 14.56
CA LYS A 102 -28.94 11.48 13.49
C LYS A 102 -28.86 10.05 14.02
N CYS A 103 -28.27 9.88 15.20
CA CYS A 103 -28.14 8.55 15.76
C CYS A 103 -29.06 8.43 16.97
N HIS A 104 -30.08 7.59 16.84
CA HIS A 104 -31.08 7.45 17.89
C HIS A 104 -31.69 6.05 17.94
N TYR A 105 -32.41 5.75 19.02
CA TYR A 105 -33.06 4.45 19.21
C TYR A 105 -34.23 4.67 20.13
N GLU A 106 -35.38 4.05 19.82
CA GLU A 106 -36.60 4.32 20.58
C GLU A 106 -37.45 3.08 20.80
N ARG A 107 -38.21 3.12 21.88
CA ARG A 107 -39.24 2.13 22.10
C ARG A 107 -40.59 2.83 22.18
N ASP A 108 -41.56 2.27 21.48
CA ASP A 108 -42.92 2.81 21.45
C ASP A 108 -43.87 1.97 22.30
N TYR A 109 -44.07 2.38 23.55
CA TYR A 109 -45.04 1.70 24.41
C TYR A 109 -46.46 2.12 24.06
N THR A 130 -46.17 6.71 26.24
CA THR A 130 -44.80 6.85 26.73
C THR A 130 -43.78 6.32 25.73
N ALA A 131 -42.92 7.19 25.21
CA ALA A 131 -41.85 6.74 24.33
C ALA A 131 -40.49 7.00 24.96
N CYS A 132 -39.66 5.96 24.98
CA CYS A 132 -38.30 6.08 25.48
C CYS A 132 -37.37 6.31 24.29
N GLY A 133 -36.35 7.13 24.46
CA GLY A 133 -35.44 7.40 23.37
C GLY A 133 -33.99 7.50 23.78
N LEU A 134 -33.12 6.96 22.93
CA LEU A 134 -31.68 7.19 23.03
C LEU A 134 -31.25 8.07 21.88
N TYR A 135 -30.30 8.98 22.11
CA TYR A 135 -29.68 9.69 21.00
C TYR A 135 -28.24 10.08 21.34
N LEU A 136 -27.37 10.13 20.32
CA LEU A 136 -26.01 10.62 20.52
C LEU A 136 -25.98 12.14 20.36
N ASP A 137 -25.26 12.80 21.26
CA ASP A 137 -25.02 14.24 21.14
C ASP A 137 -23.63 14.55 21.70
N GLN A 138 -23.27 15.83 21.75
CA GLN A 138 -21.92 16.27 22.07
C GLN A 138 -20.88 15.54 21.23
N LEU A 139 -21.20 15.37 19.95
CA LEU A 139 -20.33 14.68 19.02
C LEU A 139 -19.09 15.52 18.72
N LYS A 140 -17.94 14.85 18.63
CA LYS A 140 -16.68 15.51 18.30
C LYS A 140 -15.79 14.55 17.55
N PRO A 141 -15.23 14.98 16.40
CA PRO A 141 -14.30 14.08 15.71
C PRO A 141 -13.00 13.93 16.50
N VAL A 142 -12.52 12.70 16.62
CA VAL A 142 -11.31 12.46 17.40
C VAL A 142 -10.16 11.98 16.52
N GLY A 143 -10.45 11.55 15.30
CA GLY A 143 -9.37 11.14 14.42
C GLY A 143 -9.82 10.67 13.06
N SER A 144 -8.83 10.48 12.17
CA SER A 144 -9.09 10.02 10.82
C SER A 144 -8.61 8.59 10.68
N ALA A 145 -9.47 7.74 10.12
CA ALA A 145 -9.18 6.32 10.04
C ALA A 145 -9.00 5.86 8.60
N TYR A 146 -8.11 4.88 8.40
CA TYR A 146 -7.77 4.36 7.09
C TYR A 146 -7.63 2.85 7.11
N LYS A 147 -8.34 2.17 6.21
CA LYS A 147 -8.28 0.72 6.13
C LYS A 147 -7.14 0.29 5.23
N ILE A 148 -6.23 -0.54 5.72
CA ILE A 148 -5.11 -1.00 4.89
C ILE A 148 -5.58 -2.01 3.85
N ILE A 149 -5.28 -1.71 2.57
CA ILE A 149 -5.57 -2.62 1.47
C ILE A 149 -4.31 -3.35 1.02
N THR A 150 -3.24 -2.59 0.81
N THR A 150 -3.24 -2.59 0.81
CA THR A 150 -1.95 -3.18 0.49
CA THR A 150 -1.95 -3.17 0.42
C THR A 150 -0.84 -2.49 1.26
C THR A 150 -0.78 -2.46 1.10
N ILE A 151 0.24 -3.21 1.47
CA ILE A 151 1.46 -2.68 2.07
C ILE A 151 2.64 -3.05 1.21
N ARG A 152 3.47 -2.08 0.85
CA ARG A 152 4.69 -2.38 0.11
C ARG A 152 5.84 -1.50 0.57
N TYR A 153 7.01 -2.11 0.75
CA TYR A 153 8.19 -1.38 1.15
C TYR A 153 9.16 -1.26 -0.02
N SER A 154 9.93 -0.16 -0.06
CA SER A 154 10.88 0.03 -1.14
C SER A 154 12.02 0.94 -0.72
N ARG A 155 13.10 0.89 -1.50
CA ARG A 155 14.20 1.85 -1.36
C ARG A 155 14.56 2.37 -2.75
N ARG A 156 14.77 3.68 -2.85
CA ARG A 156 15.28 4.22 -4.10
C ARG A 156 16.79 3.96 -4.15
N VAL A 157 17.24 3.41 -5.27
CA VAL A 157 18.64 3.03 -5.44
C VAL A 157 19.19 3.71 -6.66
N CYS A 158 20.26 4.47 -6.47
CA CYS A 158 20.95 5.13 -7.59
C CYS A 158 22.37 4.57 -7.75
N VAL A 159 22.73 4.19 -8.97
CA VAL A 159 24.06 3.65 -9.26
C VAL A 159 24.74 4.39 -10.40
N GLN A 160 25.91 4.95 -10.13
CA GLN A 160 26.73 5.49 -11.20
C GLN A 160 27.91 4.55 -11.43
N PHE A 161 28.08 4.11 -12.68
CA PHE A 161 29.24 3.30 -13.04
C PHE A 161 29.88 3.92 -14.27
N GLY A 162 31.00 4.60 -14.08
CA GLY A 162 31.59 5.38 -15.14
C GLY A 162 30.66 6.55 -15.42
N GLU A 163 30.20 6.67 -16.66
CA GLU A 163 29.26 7.74 -17.00
C GLU A 163 27.84 7.22 -17.12
N GLU A 164 27.64 5.94 -16.82
CA GLU A 164 26.30 5.39 -16.68
C GLU A 164 25.71 5.82 -15.35
N ASN A 165 24.51 6.39 -15.39
CA ASN A 165 23.81 6.78 -14.17
C ASN A 165 22.35 6.33 -14.23
N LEU A 166 21.94 5.53 -13.25
CA LEU A 166 20.58 5.03 -13.26
C LEU A 166 20.00 4.99 -11.85
N CYS A 167 18.80 5.57 -11.70
CA CYS A 167 18.08 5.51 -10.43
C CYS A 167 16.80 4.70 -10.62
N LYS A 168 16.51 3.82 -9.66
CA LYS A 168 15.27 3.04 -9.70
C LYS A 168 14.69 2.89 -8.31
N ILE A 169 13.38 2.88 -8.19
CA ILE A 169 12.79 2.48 -6.92
C ILE A 169 12.73 0.97 -6.91
N ILE A 170 13.39 0.37 -5.93
CA ILE A 170 13.47 -1.07 -5.83
C ILE A 170 12.59 -1.56 -4.69
N ASP A 171 11.62 -2.39 -5.02
CA ASP A 171 10.77 -2.97 -4.01
C ASP A 171 11.56 -3.93 -3.15
N MET A 172 11.21 -4.02 -1.88
CA MET A 172 11.81 -5.04 -1.03
C MET A 172 11.60 -6.39 -1.71
N ASN A 173 12.65 -7.21 -1.67
CA ASN A 173 12.69 -8.52 -2.29
C ASN A 173 12.70 -8.48 -3.82
N ASP A 174 13.15 -7.35 -4.36
CA ASP A 174 13.44 -7.21 -5.80
C ASP A 174 14.88 -6.79 -5.98
N CYS A 175 15.34 -6.74 -7.23
CA CYS A 175 16.74 -6.41 -7.54
C CYS A 175 16.88 -5.29 -8.58
N PHE A 176 17.86 -4.42 -8.33
CA PHE A 176 18.38 -3.44 -9.31
C PHE A 176 19.34 -4.19 -10.22
N VAL A 177 19.13 -4.14 -11.53
CA VAL A 177 19.98 -4.84 -12.48
C VAL A 177 20.54 -3.91 -13.53
N SER A 178 21.87 -3.96 -13.71
CA SER A 178 22.55 -3.20 -14.74
C SER A 178 23.68 -4.07 -15.30
N ARG A 179 24.37 -3.58 -16.34
CA ARG A 179 25.41 -4.38 -16.97
C ARG A 179 26.56 -4.71 -16.01
N HIS A 180 26.86 -3.77 -15.13
CA HIS A 180 28.03 -3.93 -14.26
C HIS A 180 27.72 -3.99 -12.77
N VAL A 181 26.49 -3.68 -12.37
CA VAL A 181 26.13 -3.64 -10.95
C VAL A 181 24.74 -4.23 -10.67
N LYS A 182 24.67 -5.12 -9.68
CA LYS A 182 23.39 -5.65 -9.20
C LYS A 182 23.19 -5.26 -7.74
N VAL A 183 22.01 -4.73 -7.42
CA VAL A 183 21.67 -4.42 -6.04
C VAL A 183 20.40 -5.14 -5.66
N CYS A 184 20.49 -6.08 -4.73
CA CYS A 184 19.32 -6.82 -4.27
C CYS A 184 18.99 -6.45 -2.84
N ILE A 185 17.71 -6.25 -2.57
CA ILE A 185 17.23 -5.95 -1.23
C ILE A 185 16.37 -7.11 -0.76
N ILE A 186 16.70 -7.65 0.40
CA ILE A 186 15.96 -8.77 0.94
C ILE A 186 15.50 -8.41 2.34
N GLY A 187 14.21 -8.51 2.60
CA GLY A 187 13.75 -8.18 3.92
C GLY A 187 12.36 -8.66 4.21
N THR A 188 11.97 -8.44 5.45
CA THR A 188 10.66 -8.81 5.95
C THR A 188 10.28 -7.80 7.03
N VAL A 189 9.01 -7.39 7.06
CA VAL A 189 8.51 -6.55 8.15
C VAL A 189 7.14 -7.05 8.58
N SER A 190 6.85 -7.01 9.88
CA SER A 190 5.60 -7.59 10.37
C SER A 190 4.81 -6.61 11.21
N LYS A 191 5.00 -5.32 10.99
CA LYS A 191 4.36 -4.31 11.80
C LYS A 191 2.92 -4.09 11.37
N PHE A 192 2.70 -3.96 10.06
CA PHE A 192 1.38 -3.70 9.53
C PHE A 192 0.84 -4.91 8.80
N SER A 193 -0.48 -5.10 8.84
CA SER A 193 -1.13 -6.16 8.08
C SER A 193 -2.29 -5.65 7.27
N GLN A 194 -2.58 -6.30 6.14
CA GLN A 194 -3.76 -5.95 5.37
C GLN A 194 -4.99 -6.09 6.27
N GLY A 195 -5.91 -5.15 6.16
CA GLY A 195 -7.09 -5.18 6.98
C GLY A 195 -6.95 -4.43 8.30
N ASP A 196 -5.71 -4.13 8.72
CA ASP A 196 -5.53 -3.26 9.87
C ASP A 196 -6.18 -1.91 9.57
N THR A 197 -6.63 -1.23 10.62
CA THR A 197 -7.12 0.12 10.47
C THR A 197 -6.15 1.06 11.16
N LEU A 198 -5.70 2.08 10.43
CA LEU A 198 -4.78 3.07 10.98
C LEU A 198 -5.55 4.29 11.44
N LEU A 199 -5.29 4.73 12.66
CA LEU A 199 -5.94 5.91 13.19
C LEU A 199 -4.94 7.02 13.45
N PHE A 200 -5.23 8.19 12.90
CA PHE A 200 -4.43 9.37 13.15
C PHE A 200 -5.28 10.36 13.94
N PHE A 201 -4.80 10.76 15.12
CA PHE A 201 -5.59 11.60 16.02
C PHE A 201 -5.55 13.09 15.71
N GLY A 202 -4.40 13.58 15.21
CA GLY A 202 -4.29 14.97 14.85
C GLY A 202 -3.59 15.08 13.52
N PRO A 203 -2.94 16.23 13.26
CA PRO A 203 -2.04 16.34 12.10
C PRO A 203 -0.88 15.37 12.29
N LEU A 204 -1.20 14.09 12.26
CA LEU A 204 -0.32 13.09 12.85
C LEU A 204 0.83 12.67 11.94
N GLU A 205 1.35 13.63 11.20
CA GLU A 205 2.74 13.58 10.83
C GLU A 205 3.46 13.54 12.16
N GLY A 206 3.87 12.34 12.55
CA GLY A 206 4.38 12.10 13.87
C GLY A 206 4.12 10.63 14.16
N GLY A 207 2.85 10.26 14.24
CA GLY A 207 2.46 8.88 14.51
C GLY A 207 0.98 8.55 14.38
N GLY A 208 0.60 7.35 14.82
CA GLY A 208 -0.77 6.90 14.78
C GLY A 208 -0.94 5.62 15.61
N LEU A 209 -2.16 5.08 15.61
CA LEU A 209 -2.44 3.80 16.28
C LEU A 209 -2.88 2.77 15.27
N ILE A 210 -2.54 1.51 15.52
CA ILE A 210 -3.01 0.38 14.74
C ILE A 210 -4.17 -0.31 15.44
N PHE A 211 -5.30 -0.48 14.76
CA PHE A 211 -6.40 -1.27 15.30
C PHE A 211 -6.61 -2.52 14.47
N LYS A 212 -6.65 -3.66 15.14
CA LYS A 212 -6.81 -4.90 14.41
C LYS A 212 -8.25 -5.39 14.43
N HIS A 213 -9.11 -4.70 15.18
CA HIS A 213 -10.52 -5.10 15.33
C HIS A 213 -11.49 -3.94 15.15
N TRP A 214 -11.19 -3.03 14.24
CA TRP A 214 -12.09 -1.89 13.96
C TRP A 214 -13.40 -2.43 13.44
N CYS A 215 -14.52 -1.92 13.90
CA CYS A 215 -15.78 -2.56 13.54
C CYS A 215 -16.12 -2.32 12.06
N THR A 216 -16.67 -3.35 11.45
CA THR A 216 -17.01 -3.30 10.03
C THR A 216 -18.45 -3.75 9.81
N SER A 217 -18.69 -5.06 9.84
CA SER A 217 -20.03 -5.58 9.53
C SER A 217 -21.01 -5.40 10.68
N THR A 218 -20.50 -5.31 11.90
CA THR A 218 -21.31 -4.95 13.06
C THR A 218 -20.57 -3.90 13.86
N CYS A 219 -21.18 -2.74 13.98
CA CYS A 219 -20.68 -1.70 14.87
C CYS A 219 -21.68 -1.50 15.98
N GLN A 220 -21.26 -1.75 17.22
CA GLN A 220 -22.10 -1.46 18.37
C GLN A 220 -21.48 -0.31 19.12
N PHE A 221 -22.32 0.51 19.75
CA PHE A 221 -21.81 1.61 20.56
C PHE A 221 -20.82 1.07 21.62
N GLY A 222 -19.59 1.59 21.59
CA GLY A 222 -18.54 1.11 22.47
C GLY A 222 -17.38 0.46 21.72
N ASP A 223 -17.64 0.05 20.47
CA ASP A 223 -16.59 -0.58 19.64
C ASP A 223 -15.59 0.46 19.13
N PRO A 224 -14.34 0.06 18.92
CA PRO A 224 -13.46 0.89 18.09
C PRO A 224 -14.10 1.09 16.74
N GLY A 225 -14.26 2.33 16.31
CA GLY A 225 -14.92 2.60 15.05
C GLY A 225 -16.42 2.73 15.13
N ASP A 226 -16.96 2.81 16.35
CA ASP A 226 -18.42 2.74 16.47
C ASP A 226 -19.16 3.88 15.75
N ILE A 227 -18.72 5.13 15.96
CA ILE A 227 -19.38 6.28 15.32
C ILE A 227 -18.49 6.87 14.23
N MET A 228 -18.88 6.68 12.97
CA MET A 228 -18.07 7.15 11.85
C MET A 228 -18.83 8.16 11.01
N SER A 229 -18.11 9.12 10.44
CA SER A 229 -18.66 9.90 9.32
C SER A 229 -17.77 9.67 8.12
N PRO A 230 -18.21 8.83 7.17
CA PRO A 230 -17.43 8.47 5.98
C PRO A 230 -16.92 9.67 5.16
N ARG A 231 -17.72 10.73 5.07
CA ARG A 231 -17.31 11.93 4.36
C ARG A 231 -17.77 13.19 5.11
N ASP A 232 -17.99 14.27 4.38
CA ASP A 232 -18.39 15.56 4.99
C ASP A 232 -19.54 15.40 5.98
N LYS A 233 -20.73 15.15 5.46
CA LYS A 233 -21.91 14.95 6.30
C LYS A 233 -22.39 13.49 6.24
N GLY A 234 -23.12 13.08 7.26
CA GLY A 234 -23.69 11.75 7.28
C GLY A 234 -22.93 10.81 8.19
N PHE A 235 -23.59 10.37 9.25
CA PHE A 235 -23.02 9.41 10.18
C PHE A 235 -23.42 8.00 9.79
N LEU A 236 -22.49 7.05 9.93
CA LEU A 236 -22.87 5.64 10.02
C LEU A 236 -23.04 5.36 11.51
N CYS A 237 -24.29 5.23 11.94
CA CYS A 237 -24.57 5.09 13.36
C CYS A 237 -24.37 3.66 13.86
N PRO A 238 -23.90 3.52 15.10
CA PRO A 238 -23.75 2.21 15.71
C PRO A 238 -25.07 1.64 16.20
N GLU A 239 -25.10 0.33 16.43
CA GLU A 239 -26.27 -0.32 17.03
C GLU A 239 -26.25 -0.12 18.53
N PHE A 240 -27.43 -0.13 19.11
CA PHE A 240 -27.60 -0.08 20.56
C PHE A 240 -28.29 -1.37 20.96
N PRO A 241 -27.49 -2.38 21.35
CA PRO A 241 -28.00 -3.74 21.54
C PRO A 241 -28.82 -3.95 22.80
N GLY A 242 -28.83 -2.99 23.72
CA GLY A 242 -29.55 -3.17 24.97
C GLY A 242 -31.05 -2.97 24.90
N SER A 243 -31.71 -3.04 26.07
CA SER A 243 -33.16 -2.93 26.12
C SER A 243 -33.64 -1.70 26.87
N PHE A 244 -34.78 -1.17 26.43
CA PHE A 244 -35.47 -0.14 27.20
C PHE A 244 -36.37 -0.77 28.26
N ARG A 245 -36.62 -0.04 29.33
CA ARG A 245 -37.68 -0.38 30.25
C ARG A 245 -38.46 0.88 30.56
N LYS A 246 -39.78 0.76 30.51
CA LYS A 246 -40.68 1.84 30.90
C LYS A 246 -41.04 1.69 32.36
N LYS A 247 -40.35 2.43 33.23
CA LYS A 247 -40.66 2.37 34.65
C LYS A 247 -41.88 3.23 34.97
N ILE A 255 -40.50 7.15 33.49
CA ILE A 255 -39.06 7.32 33.40
C ILE A 255 -38.41 6.15 32.65
N CYS A 256 -37.79 6.45 31.52
CA CYS A 256 -37.18 5.42 30.71
C CYS A 256 -35.79 5.05 31.20
N GLU A 257 -35.45 3.77 31.03
CA GLU A 257 -34.14 3.27 31.34
C GLU A 257 -33.63 2.51 30.15
N TYR A 258 -32.31 2.45 30.01
CA TYR A 258 -31.67 1.63 28.98
C TYR A 258 -30.58 0.82 29.66
N ASP A 259 -30.57 -0.49 29.45
CA ASP A 259 -29.67 -1.34 30.23
C ASP A 259 -28.47 -1.81 29.45
N GLY A 260 -28.17 -1.14 28.33
CA GLY A 260 -27.01 -1.49 27.54
C GLY A 260 -25.84 -0.57 27.82
N ASN A 261 -24.75 -0.75 27.09
CA ASN A 261 -23.55 0.04 27.31
C ASN A 261 -23.80 1.52 27.03
N MET A 262 -23.32 2.38 27.92
CA MET A 262 -23.47 3.82 27.79
C MET A 262 -22.17 4.57 27.49
N VAL A 263 -21.07 3.84 27.32
CA VAL A 263 -19.76 4.45 27.14
C VAL A 263 -19.28 4.35 25.70
N SER A 264 -18.90 5.49 25.12
CA SER A 264 -18.47 5.52 23.72
C SER A 264 -17.22 4.68 23.50
N GLY A 265 -17.07 4.19 22.27
CA GLY A 265 -15.88 3.47 21.86
C GLY A 265 -14.61 4.26 22.10
N TYR A 266 -14.65 5.57 21.83
CA TYR A 266 -13.46 6.38 22.04
C TYR A 266 -13.05 6.37 23.51
N LYS A 267 -14.01 6.52 24.41
CA LYS A 267 -13.68 6.53 25.82
C LYS A 267 -13.20 5.17 26.29
N LYS A 268 -13.80 4.10 25.77
CA LYS A 268 -13.39 2.75 26.16
C LYS A 268 -11.98 2.47 25.68
N VAL A 269 -11.66 2.95 24.49
CA VAL A 269 -10.31 2.74 23.95
C VAL A 269 -9.27 3.58 24.72
N MET A 270 -9.58 4.85 24.98
N MET A 270 -9.58 4.85 24.99
CA MET A 270 -8.68 5.70 25.75
CA MET A 270 -8.64 5.68 25.74
C MET A 270 -8.39 5.11 27.13
C MET A 270 -8.41 5.17 27.16
N ALA A 271 -9.41 4.51 27.73
CA ALA A 271 -9.30 3.94 29.07
C ALA A 271 -8.35 2.75 29.14
N THR A 272 -8.04 2.16 27.98
CA THR A 272 -7.08 1.08 27.95
C THR A 272 -6.11 1.27 26.78
N ILE A 273 -5.69 2.52 26.59
CA ILE A 273 -4.92 2.90 25.40
C ILE A 273 -3.61 2.12 25.28
N ASP A 274 -3.05 1.70 26.41
CA ASP A 274 -1.77 0.99 26.36
C ASP A 274 -1.88 -0.41 25.74
N SER A 275 -3.12 -0.86 25.53
CA SER A 275 -3.40 -2.14 24.90
C SER A 275 -3.21 -2.08 23.39
N PHE A 276 -3.03 -0.88 22.84
CA PHE A 276 -2.98 -0.70 21.40
C PHE A 276 -1.59 -0.29 20.93
N GLN A 277 -1.27 -0.64 19.69
CA GLN A 277 0.07 -0.42 19.15
C GLN A 277 0.18 0.91 18.42
N SER A 278 1.12 1.73 18.85
CA SER A 278 1.44 2.96 18.14
C SER A 278 2.49 2.72 17.07
N PHE A 279 2.50 3.60 16.08
CA PHE A 279 3.61 3.65 15.12
C PHE A 279 3.98 5.09 14.89
N ASN A 280 5.22 5.33 14.48
CA ASN A 280 5.65 6.69 14.16
C ASN A 280 5.87 6.84 12.67
N THR A 281 5.83 8.10 12.21
CA THR A 281 5.99 8.38 10.80
C THR A 281 6.95 9.54 10.60
N SER A 282 7.51 9.60 9.40
CA SER A 282 8.31 10.75 9.00
C SER A 282 8.08 11.01 7.50
N THR A 283 8.14 12.28 7.13
CA THR A 283 7.88 12.75 5.77
C THR A 283 6.67 12.06 5.17
N MET A 284 5.53 12.24 5.80
CA MET A 284 4.28 11.66 5.32
C MET A 284 3.83 12.28 4.01
N HIS A 285 3.13 11.48 3.21
CA HIS A 285 2.58 11.94 1.94
C HIS A 285 1.21 11.29 1.79
N PHE A 286 0.15 12.04 2.09
CA PHE A 286 -1.22 11.57 1.86
C PHE A 286 -1.65 11.96 0.44
N THR A 287 -2.14 10.98 -0.31
CA THR A 287 -2.84 11.27 -1.55
C THR A 287 -4.16 10.51 -1.49
N ASP A 288 -5.02 10.66 -2.48
CA ASP A 288 -6.31 9.97 -2.40
C ASP A 288 -6.11 8.46 -2.35
N GLU A 289 -6.60 7.86 -1.26
CA GLU A 289 -6.56 6.42 -1.02
C GLU A 289 -5.16 5.84 -0.97
N ARG A 290 -4.18 6.67 -0.62
CA ARG A 290 -2.81 6.16 -0.48
C ARG A 290 -2.03 7.00 0.54
N ILE A 291 -1.21 6.34 1.33
CA ILE A 291 -0.34 7.02 2.27
C ILE A 291 1.06 6.47 2.12
N GLU A 292 2.04 7.37 2.04
CA GLU A 292 3.44 6.98 1.98
C GLU A 292 4.19 7.67 3.11
N TRP A 293 5.13 6.96 3.72
CA TRP A 293 5.99 7.59 4.69
C TRP A 293 7.27 6.79 4.91
N LYS A 294 8.16 7.34 5.72
CA LYS A 294 9.35 6.61 6.10
C LYS A 294 9.21 6.30 7.58
N ASP A 295 9.22 5.01 7.91
CA ASP A 295 9.10 4.59 9.31
C ASP A 295 10.44 4.83 10.00
N PRO A 296 10.46 5.65 11.05
CA PRO A 296 11.73 5.97 11.72
C PRO A 296 12.14 4.93 12.78
N ASP A 297 11.48 3.78 12.79
CA ASP A 297 11.82 2.70 13.72
C ASP A 297 13.18 2.12 13.37
N GLY A 298 14.20 2.51 14.13
CA GLY A 298 15.55 2.09 13.83
C GLY A 298 15.92 0.68 14.28
N MET A 299 14.97 -0.03 14.90
CA MET A 299 15.19 -1.43 15.26
C MET A 299 15.04 -2.37 14.07
N LEU A 300 14.42 -1.89 12.99
CA LEU A 300 14.19 -2.71 11.81
C LEU A 300 15.36 -2.61 10.83
N ARG A 301 15.70 -3.73 10.21
CA ARG A 301 16.78 -3.79 9.24
C ARG A 301 16.38 -4.58 7.99
N ASP A 302 17.07 -4.37 6.89
CA ASP A 302 16.92 -5.24 5.74
C ASP A 302 18.30 -5.60 5.24
N HIS A 303 18.35 -6.47 4.25
CA HIS A 303 19.63 -6.96 3.76
C HIS A 303 19.91 -6.39 2.39
N ILE A 304 21.14 -5.93 2.20
CA ILE A 304 21.56 -5.36 0.93
C ILE A 304 22.73 -6.18 0.37
N ASN A 305 22.65 -6.57 -0.90
CA ASN A 305 23.76 -7.20 -1.58
C ASN A 305 24.07 -6.44 -2.86
N ILE A 306 25.34 -6.07 -3.02
CA ILE A 306 25.78 -5.33 -4.18
C ILE A 306 26.90 -6.10 -4.85
N LEU A 307 26.72 -6.46 -6.10
CA LEU A 307 27.74 -7.19 -6.84
C LEU A 307 28.20 -6.35 -8.03
N VAL A 308 29.51 -6.26 -8.22
CA VAL A 308 30.08 -5.42 -9.26
C VAL A 308 31.03 -6.22 -10.13
N THR A 309 30.83 -6.13 -11.44
CA THR A 309 31.82 -6.63 -12.39
C THR A 309 32.33 -5.46 -13.21
N LYS A 310 33.66 -5.36 -13.30
CA LYS A 310 34.31 -4.17 -13.80
C LYS A 310 34.50 -4.25 -15.32
N ASP A 311 34.82 -5.44 -15.81
CA ASP A 311 35.18 -5.61 -17.21
C ASP A 311 34.04 -6.24 -18.00
N ILE A 312 33.86 -7.55 -17.84
CA ILE A 312 32.85 -8.29 -18.59
C ILE A 312 31.46 -8.08 -17.99
N ASP A 313 30.48 -7.84 -18.86
CA ASP A 313 29.10 -7.62 -18.43
C ASP A 313 28.50 -8.84 -17.72
N PHE A 314 27.61 -8.56 -16.77
CA PHE A 314 26.76 -9.58 -16.21
C PHE A 314 25.90 -10.21 -17.31
N ASP A 315 25.52 -11.46 -17.12
CA ASP A 315 24.45 -12.03 -17.91
C ASP A 315 23.11 -11.64 -17.28
N ASN A 316 22.39 -10.73 -17.93
CA ASN A 316 21.06 -10.33 -17.47
C ASN A 316 20.08 -11.48 -17.72
N LEU A 317 19.53 -12.05 -16.65
CA LEU A 317 18.75 -13.27 -16.77
C LEU A 317 17.40 -13.03 -17.41
N GLY A 318 17.02 -11.75 -17.51
CA GLY A 318 15.75 -11.39 -18.13
C GLY A 318 15.90 -10.90 -19.57
N GLU A 319 17.11 -10.97 -20.11
CA GLU A 319 17.37 -10.48 -21.46
C GLU A 319 16.55 -11.24 -22.51
N ASN A 320 15.98 -10.50 -23.46
CA ASN A 320 15.15 -11.11 -24.49
C ASN A 320 14.92 -10.17 -25.67
N PRO A 321 14.60 -10.74 -26.84
CA PRO A 321 14.32 -9.93 -28.04
C PRO A 321 12.82 -9.68 -28.28
N CYS A 322 11.97 -10.10 -27.34
CA CYS A 322 10.53 -9.99 -27.53
C CYS A 322 10.07 -8.55 -27.42
N LYS A 323 9.06 -8.21 -28.21
CA LYS A 323 8.50 -6.86 -28.20
C LYS A 323 7.00 -6.90 -27.93
N ILE A 324 6.56 -6.01 -27.04
CA ILE A 324 5.16 -6.04 -26.57
C ILE A 324 4.42 -4.72 -26.86
N GLY A 325 3.20 -4.83 -27.37
CA GLY A 325 2.31 -3.68 -27.47
C GLY A 325 1.10 -3.90 -26.55
N LEU A 326 0.60 -2.82 -25.97
CA LEU A 326 -0.41 -2.95 -24.92
C LEU A 326 -1.56 -1.97 -25.09
N GLN A 327 -2.78 -2.44 -24.86
CA GLN A 327 -3.90 -1.54 -24.62
C GLN A 327 -4.92 -2.17 -23.68
N THR A 328 -5.70 -1.32 -23.01
CA THR A 328 -6.76 -1.80 -22.14
C THR A 328 -7.96 -2.22 -22.98
N SER A 329 -8.73 -3.17 -22.46
CA SER A 329 -9.95 -3.63 -23.12
C SER A 329 -11.18 -3.34 -22.26
N SER A 330 -11.09 -3.67 -20.97
CA SER A 330 -12.21 -3.50 -20.08
C SER A 330 -11.73 -3.56 -18.64
N ILE A 331 -12.61 -3.21 -17.71
CA ILE A 331 -12.31 -3.30 -16.30
C ILE A 331 -13.57 -3.67 -15.55
N GLU A 332 -13.40 -4.34 -14.43
CA GLU A 332 -14.52 -4.46 -13.51
C GLU A 332 -14.01 -4.48 -12.10
N GLY A 333 -14.91 -4.32 -11.14
CA GLY A 333 -14.46 -4.24 -9.77
C GLY A 333 -14.21 -2.81 -9.32
N ALA A 334 -13.63 -2.68 -8.13
CA ALA A 334 -13.63 -1.40 -7.44
C ALA A 334 -12.26 -0.98 -6.93
N TRP A 335 -12.03 0.33 -6.90
CA TRP A 335 -10.93 0.93 -6.14
C TRP A 335 -11.29 0.99 -4.66
N GLY A 336 -10.30 1.28 -3.81
CA GLY A 336 -10.53 1.42 -2.39
C GLY A 336 -11.20 0.23 -1.73
N SER A 337 -10.90 -0.96 -2.25
CA SER A 337 -11.61 -2.18 -1.89
C SER A 337 -10.69 -3.37 -1.69
N GLY A 338 -10.91 -4.12 -0.62
CA GLY A 338 -10.15 -5.32 -0.36
C GLY A 338 -10.48 -6.45 -1.32
N VAL A 339 -11.59 -6.33 -2.03
CA VAL A 339 -11.94 -7.31 -3.05
C VAL A 339 -11.23 -6.97 -4.36
N GLY A 340 -11.20 -5.69 -4.70
CA GLY A 340 -10.37 -5.21 -5.79
C GLY A 340 -11.03 -5.12 -7.16
N PHE A 341 -10.20 -5.05 -8.17
CA PHE A 341 -10.68 -4.93 -9.55
C PHE A 341 -9.94 -5.90 -10.46
N THR A 342 -10.43 -6.05 -11.68
CA THR A 342 -9.74 -6.83 -12.70
C THR A 342 -9.66 -6.03 -14.00
N LEU A 343 -8.44 -5.78 -14.45
CA LEU A 343 -8.20 -5.06 -15.69
C LEU A 343 -7.90 -6.06 -16.81
N THR A 344 -8.65 -5.97 -17.91
CA THR A 344 -8.41 -6.84 -19.06
C THR A 344 -7.57 -6.08 -20.08
N CYS A 345 -6.48 -6.72 -20.52
CA CYS A 345 -5.53 -6.09 -21.43
C CYS A 345 -5.42 -6.86 -22.73
N LEU A 346 -5.27 -6.14 -23.84
CA LEU A 346 -4.97 -6.75 -25.14
C LEU A 346 -3.48 -6.55 -25.39
N VAL A 347 -2.76 -7.65 -25.50
CA VAL A 347 -1.31 -7.62 -25.50
C VAL A 347 -0.76 -8.27 -26.76
N SER A 348 -0.03 -7.51 -27.56
CA SER A 348 0.52 -8.03 -28.81
CA SER A 348 0.52 -8.04 -28.81
C SER A 348 1.99 -8.40 -28.66
N LEU A 349 2.32 -9.64 -28.98
CA LEU A 349 3.71 -10.12 -28.91
C LEU A 349 4.30 -10.30 -30.31
N THR A 350 5.45 -9.70 -30.54
CA THR A 350 6.19 -9.96 -31.77
C THR A 350 7.64 -10.32 -31.47
N GLU A 351 8.32 -10.88 -32.48
CA GLU A 351 9.75 -11.22 -32.46
C GLU A 351 10.10 -12.46 -31.64
N CYS A 352 9.07 -13.13 -31.12
N CYS A 352 9.10 -13.14 -31.07
CA CYS A 352 9.22 -14.34 -30.31
CA CYS A 352 9.35 -14.41 -30.41
C CYS A 352 8.00 -15.23 -30.53
C CYS A 352 8.07 -15.23 -30.34
N PRO A 353 8.19 -16.55 -30.47
CA PRO A 353 7.02 -17.44 -30.56
C PRO A 353 6.20 -17.43 -29.27
N THR A 354 6.89 -17.36 -28.14
CA THR A 354 6.27 -17.29 -26.83
C THR A 354 7.15 -16.41 -25.95
N PHE A 355 6.54 -15.81 -24.92
CA PHE A 355 7.28 -14.96 -24.00
C PHE A 355 6.66 -15.04 -22.61
N LEU A 356 7.41 -15.52 -21.64
CA LEU A 356 6.94 -15.57 -20.26
C LEU A 356 7.28 -14.26 -19.57
N THR A 357 6.28 -13.55 -19.07
CA THR A 357 6.52 -12.19 -18.59
C THR A 357 5.41 -11.84 -17.62
N SER A 358 5.36 -10.56 -17.21
CA SER A 358 4.28 -10.08 -16.35
C SER A 358 3.65 -8.86 -16.96
N ILE A 359 2.32 -8.82 -16.94
CA ILE A 359 1.58 -7.64 -17.35
C ILE A 359 0.99 -7.01 -16.09
N LYS A 360 1.15 -5.70 -15.95
CA LYS A 360 0.79 -5.00 -14.72
C LYS A 360 -0.34 -4.00 -14.93
N ALA A 361 -1.07 -3.71 -13.87
CA ALA A 361 -2.03 -2.61 -13.87
C ALA A 361 -1.45 -1.47 -13.08
N CYS A 362 -1.15 -0.37 -13.76
CA CYS A 362 -0.46 0.76 -13.16
C CYS A 362 -1.07 2.09 -13.53
N ASP A 363 -0.78 3.09 -12.70
CA ASP A 363 -1.11 4.46 -13.04
C ASP A 363 -0.10 5.39 -12.38
N LYS A 364 0.44 6.32 -13.16
CA LYS A 364 1.42 7.28 -12.66
C LYS A 364 2.56 6.60 -11.88
N ALA A 365 3.11 5.54 -12.47
CA ALA A 365 4.26 4.83 -11.93
C ALA A 365 4.01 4.12 -10.59
N ILE A 366 2.75 3.96 -10.22
CA ILE A 366 2.42 3.06 -9.11
C ILE A 366 1.70 1.86 -9.68
N CYS A 367 2.14 0.66 -9.32
N CYS A 367 2.15 0.67 -9.30
CA CYS A 367 1.47 -0.53 -9.83
CA CYS A 367 1.57 -0.58 -9.72
C CYS A 367 0.58 -1.16 -8.76
C CYS A 367 0.53 -1.08 -8.72
N TYR A 368 -0.58 -1.64 -9.20
CA TYR A 368 -1.63 -2.11 -8.31
C TYR A 368 -1.91 -3.61 -8.45
N GLY A 369 -1.24 -4.25 -9.40
CA GLY A 369 -1.50 -5.65 -9.67
C GLY A 369 -0.62 -6.15 -10.79
N ALA A 370 -0.38 -7.46 -10.82
CA ALA A 370 0.40 -8.06 -11.91
C ALA A 370 -0.02 -9.50 -12.18
N GLU A 371 0.04 -9.88 -13.45
CA GLU A 371 -0.29 -11.24 -13.86
C GLU A 371 0.88 -11.81 -14.63
N SER A 372 1.40 -12.94 -14.17
CA SER A 372 2.44 -13.64 -14.91
C SER A 372 1.75 -14.43 -16.03
N VAL A 373 2.33 -14.43 -17.23
CA VAL A 373 1.65 -15.03 -18.37
C VAL A 373 2.65 -15.43 -19.43
N THR A 374 2.45 -16.59 -20.05
CA THR A 374 3.20 -16.93 -21.25
C THR A 374 2.40 -16.45 -22.47
N LEU A 375 2.85 -15.36 -23.05
CA LEU A 375 2.23 -14.81 -24.24
C LEU A 375 2.57 -15.65 -25.46
N THR A 376 1.68 -15.69 -26.44
CA THR A 376 1.97 -16.33 -27.71
C THR A 376 2.07 -15.25 -28.77
N ARG A 377 2.81 -15.53 -29.84
CA ARG A 377 3.00 -14.58 -30.91
C ARG A 377 1.65 -14.09 -31.42
N GLY A 378 1.51 -12.78 -31.62
CA GLY A 378 0.24 -12.22 -32.04
C GLY A 378 -0.50 -11.64 -30.85
N GLN A 379 -1.83 -11.63 -30.95
CA GLN A 379 -2.65 -11.03 -29.91
C GLN A 379 -2.90 -11.98 -28.74
N ASN A 380 -2.95 -11.40 -27.54
CA ASN A 380 -3.22 -12.11 -26.29
C ASN A 380 -4.22 -11.32 -25.48
N THR A 381 -5.05 -12.02 -24.73
CA THR A 381 -5.93 -11.37 -23.76
C THR A 381 -5.47 -11.75 -22.36
N VAL A 382 -5.13 -10.74 -21.55
CA VAL A 382 -4.57 -10.97 -20.22
C VAL A 382 -5.36 -10.22 -19.16
N LYS A 383 -5.87 -10.96 -18.16
CA LYS A 383 -6.60 -10.34 -17.07
C LYS A 383 -5.67 -10.12 -15.88
N VAL A 384 -5.66 -8.89 -15.37
CA VAL A 384 -4.80 -8.53 -14.24
C VAL A 384 -5.65 -8.15 -13.04
N SER A 385 -5.50 -8.90 -11.94
CA SER A 385 -6.20 -8.58 -10.72
C SER A 385 -5.44 -7.53 -9.95
N GLY A 386 -6.15 -6.48 -9.50
CA GLY A 386 -5.50 -5.43 -8.75
C GLY A 386 -6.30 -5.01 -7.54
N LYS A 387 -5.65 -4.26 -6.65
CA LYS A 387 -6.31 -3.63 -5.50
C LYS A 387 -5.75 -2.23 -5.31
N GLY A 388 -6.58 -1.31 -4.84
CA GLY A 388 -6.11 0.02 -4.51
C GLY A 388 -6.58 1.06 -5.49
N GLY A 389 -5.94 2.22 -5.49
CA GLY A 389 -6.33 3.32 -6.35
C GLY A 389 -7.51 4.10 -5.81
N HIS A 390 -7.95 5.09 -6.58
CA HIS A 390 -9.00 6.00 -6.16
C HIS A 390 -9.88 6.32 -7.37
N SER A 391 -10.87 7.20 -7.17
CA SER A 391 -11.88 7.41 -8.21
C SER A 391 -11.26 8.01 -9.47
N GLY A 392 -10.15 8.75 -9.29
CA GLY A 392 -9.48 9.40 -10.41
C GLY A 392 -8.44 8.52 -11.09
N SER A 393 -8.17 7.34 -10.52
CA SER A 393 -7.21 6.43 -11.10
C SER A 393 -7.67 5.91 -12.45
N THR A 394 -6.76 5.95 -13.42
CA THR A 394 -6.99 5.29 -14.70
C THR A 394 -5.99 4.15 -14.86
N PHE A 395 -6.43 2.94 -14.57
CA PHE A 395 -5.53 1.81 -14.56
C PHE A 395 -5.15 1.39 -15.99
N ARG A 396 -3.85 1.45 -16.26
CA ARG A 396 -3.27 1.13 -17.56
C ARG A 396 -2.67 -0.26 -17.58
N CYS A 397 -2.58 -0.85 -18.77
CA CYS A 397 -1.85 -2.10 -18.95
C CYS A 397 -0.39 -1.80 -19.18
N CYS A 398 0.48 -2.41 -18.39
CA CYS A 398 1.90 -2.07 -18.45
C CYS A 398 2.81 -3.28 -18.55
N HIS A 399 3.95 -3.10 -19.22
CA HIS A 399 4.98 -4.12 -19.26
C HIS A 399 6.31 -3.45 -18.97
N GLY A 400 6.98 -3.85 -17.89
CA GLY A 400 8.19 -3.15 -17.48
C GLY A 400 7.83 -1.71 -17.22
N GLU A 401 8.56 -0.79 -17.84
CA GLU A 401 8.31 0.64 -17.67
C GLU A 401 7.38 1.21 -18.75
N ASP A 402 6.90 0.35 -19.63
CA ASP A 402 6.03 0.80 -20.73
C ASP A 402 4.56 0.57 -20.46
N CYS A 403 3.73 1.58 -20.75
CA CYS A 403 2.29 1.47 -20.50
C CYS A 403 1.45 1.83 -21.71
N SER A 404 0.19 1.40 -21.67
CA SER A 404 -0.78 1.77 -22.68
C SER A 404 -1.04 3.27 -22.66
N GLN A 405 -1.69 3.76 -23.71
CA GLN A 405 -1.88 5.19 -23.89
C GLN A 405 -2.94 5.74 -22.97
N ILE A 406 -3.91 4.91 -22.64
CA ILE A 406 -4.93 5.29 -21.68
C ILE A 406 -5.14 4.18 -20.68
N GLY A 407 -5.83 4.52 -19.59
CA GLY A 407 -6.25 3.54 -18.62
C GLY A 407 -7.75 3.63 -18.41
N LEU A 408 -8.27 2.74 -17.57
CA LEU A 408 -9.69 2.71 -17.25
C LEU A 408 -9.96 2.97 -15.77
N HIS A 409 -11.08 3.62 -15.49
CA HIS A 409 -11.51 3.84 -14.12
C HIS A 409 -12.21 2.61 -13.55
N ALA A 410 -11.96 2.31 -12.27
CA ALA A 410 -12.72 1.29 -11.57
C ALA A 410 -13.93 1.93 -10.88
N ALA A 411 -14.83 1.09 -10.36
CA ALA A 411 -16.01 1.56 -9.66
C ALA A 411 -15.73 1.89 -8.18
N ALA A 412 -16.61 2.68 -7.58
CA ALA A 412 -16.46 3.02 -6.16
C ALA A 412 -16.85 1.84 -5.26
N PRO A 413 -16.22 1.73 -4.09
CA PRO A 413 -16.57 0.69 -3.12
C PRO A 413 -17.77 1.10 -2.28
N HIS A 414 -18.27 0.19 -1.46
CA HIS A 414 -19.31 0.49 -0.46
C HIS A 414 -20.52 1.22 -1.01
N LEU A 415 -21.00 0.79 -2.18
CA LEU A 415 -22.20 1.39 -2.76
C LEU A 415 -23.46 0.68 -2.29
C1 NAG B . 6.34 9.26 17.92
C2 NAG B . 6.55 10.76 17.94
C3 NAG B . 6.53 11.27 19.37
C4 NAG B . 5.24 10.82 20.08
C5 NAG B . 5.02 9.31 19.90
C6 NAG B . 3.70 8.82 20.41
C7 NAG B . 9.01 10.73 17.62
C8 NAG B . 10.14 11.27 16.80
N2 NAG B . 7.78 11.15 17.27
O3 NAG B . 6.61 12.69 19.40
O4 NAG B . 5.41 11.10 21.46
O5 NAG B . 5.09 8.96 18.51
O6 NAG B . 2.76 9.88 20.57
O7 NAG B . 9.19 9.95 18.55
C1 NAG B . 4.45 12.04 21.99
C2 NAG B . 4.55 11.94 23.50
C3 NAG B . 3.49 12.83 24.14
C4 NAG B . 3.61 14.26 23.62
C5 NAG B . 3.60 14.28 22.09
C6 NAG B . 3.89 15.65 21.52
C7 NAG B . 5.47 9.78 24.18
C8 NAG B . 5.15 8.38 24.62
N2 NAG B . 4.42 10.57 23.94
O3 NAG B . 3.67 12.82 25.55
O4 NAG B . 2.53 15.05 24.11
O5 NAG B . 4.61 13.40 21.58
O6 NAG B . 5.13 16.16 22.02
O7 NAG B . 6.62 10.18 24.05
C1 FUL B . 1.74 9.80 19.55
C2 FUL B . 0.75 10.96 19.72
O2 FUL B . 1.40 12.22 19.65
C3 FUL B . -0.36 10.86 18.66
O3 FUL B . -1.41 11.80 18.94
C4 FUL B . -0.99 9.47 18.64
O4 FUL B . -1.79 9.27 19.79
C5 FUL B . 0.10 8.39 18.55
C6 FUL B . -0.45 7.01 18.77
O5 FUL B . 1.09 8.56 19.57
K K C . -31.69 -3.09 21.22
NA NA D . -31.78 -6.98 26.49
#